data_9QK4
#
_entry.id   9QK4
#
_cell.length_a   89.642
_cell.length_b   89.642
_cell.length_c   50.369
_cell.angle_alpha   90.000
_cell.angle_beta   90.000
_cell.angle_gamma   120.000
#
_symmetry.space_group_name_H-M   'P 32 2 1'
#
loop_
_entity.id
_entity.type
_entity.pdbx_description
1 polymer SlPYL1-NIO
2 non-polymer '3-(4-HYDROXY-3-METHOXYPHENYL)-2-PROPENOIC ACID'
3 non-polymer 'DIMETHYL SULFOXIDE'
4 water water
#
_entity_poly.entity_id   1
_entity_poly.type   'polypeptide(L)'
_entity_poly.pdbx_seq_one_letter_code
;MDNKPETSLDNPVHQRSEPGSETGSSLSTITTHHLTVPPGLTPEEFQELSSSIAEFHSYRINPGQCSSLLAQRIHAPVET
VWTVVRRFDKPQTYKHFIKSCSVGEDFRMTVGSTRDVTVISGLPAATSTERLDILDDDRHVTGFSIIGGEHRLRNYRSVT
TVHGFERDGEIWTVVLESYVVDVPEGNTEEDTRLFADTVVKLNLQKLASVTETLAREAGNGSVNSRDASHRS
;
_entity_poly.pdbx_strand_id   A
#
# COMPACT_ATOMS: atom_id res chain seq x y z
N LEU A 27 -2.52 11.22 -24.44
CA LEU A 27 -1.70 10.02 -24.33
C LEU A 27 -1.17 9.84 -22.91
N SER A 28 -0.17 8.96 -22.76
CA SER A 28 0.31 8.60 -21.44
C SER A 28 0.96 9.79 -20.74
N THR A 29 1.05 9.67 -19.42
CA THR A 29 1.77 10.62 -18.58
C THR A 29 2.47 9.85 -17.47
N ILE A 30 3.55 10.41 -16.97
CA ILE A 30 4.25 9.86 -15.81
C ILE A 30 3.70 10.52 -14.56
N THR A 31 3.46 9.73 -13.52
CA THR A 31 3.00 10.28 -12.26
C THR A 31 4.07 11.18 -11.65
N THR A 32 3.64 12.15 -10.87
CA THR A 32 4.52 13.16 -10.30
C THR A 32 4.56 13.08 -8.78
N HIS A 33 4.35 11.89 -8.21
CA HIS A 33 4.33 11.75 -6.76
C HIS A 33 5.68 12.08 -6.14
N HIS A 34 6.77 11.79 -6.86
CA HIS A 34 8.12 12.01 -6.36
C HIS A 34 8.53 13.48 -6.40
N LEU A 35 7.63 14.38 -6.78
CA LEU A 35 7.97 15.78 -6.96
C LEU A 35 7.19 16.72 -6.04
N THR A 36 6.25 16.21 -5.25
CA THR A 36 5.57 16.99 -4.24
C THR A 36 5.55 16.23 -2.92
N VAL A 37 5.35 16.96 -1.84
CA VAL A 37 5.32 16.37 -0.49
C VAL A 37 3.98 15.64 -0.31
N PRO A 38 3.99 14.33 -0.10
CA PRO A 38 2.73 13.61 0.04
C PRO A 38 2.09 13.92 1.39
N PRO A 39 0.75 13.83 1.48
CA PRO A 39 0.10 14.09 2.77
C PRO A 39 0.58 13.10 3.82
N GLY A 40 0.81 13.61 5.02
CA GLY A 40 1.32 12.82 6.13
C GLY A 40 2.83 12.86 6.30
N LEU A 41 3.55 13.57 5.44
CA LEU A 41 5.00 13.61 5.49
C LEU A 41 5.49 15.05 5.56
N THR A 42 6.63 15.24 6.26
CA THR A 42 7.30 16.53 6.40
C THR A 42 8.24 16.78 5.23
N PRO A 43 8.50 18.05 4.90
CA PRO A 43 9.51 18.34 3.86
C PRO A 43 10.85 17.65 4.12
N GLU A 44 11.33 17.68 5.37
CA GLU A 44 12.57 16.98 5.68
C GLU A 44 12.52 15.53 5.26
N GLU A 45 11.46 14.81 5.67
CA GLU A 45 11.33 13.41 5.31
C GLU A 45 11.26 13.22 3.80
N PHE A 46 10.56 14.11 3.10
CA PHE A 46 10.42 13.96 1.65
C PHE A 46 11.78 13.99 0.96
N GLN A 47 12.58 15.01 1.24
CA GLN A 47 13.88 15.13 0.58
C GLN A 47 14.76 13.92 0.81
N GLU A 48 14.53 13.17 1.89
CA GLU A 48 15.28 11.94 2.13
C GLU A 48 14.76 10.79 1.28
N LEU A 49 13.48 10.81 0.93
CA LEU A 49 12.84 9.70 0.21
C LEU A 49 12.60 10.01 -1.26
N SER A 50 12.91 11.22 -1.73
CA SER A 50 12.55 11.61 -3.08
C SER A 50 13.05 10.61 -4.11
N SER A 51 14.20 9.98 -3.87
CA SER A 51 14.72 9.02 -4.84
C SER A 51 13.96 7.70 -4.78
N SER A 52 13.55 7.28 -3.58
CA SER A 52 12.74 6.07 -3.46
C SER A 52 11.35 6.25 -4.06
N ILE A 53 10.79 7.45 -3.95
CA ILE A 53 9.48 7.70 -4.53
C ILE A 53 9.55 7.63 -6.04
N ALA A 54 10.59 8.20 -6.64
CA ALA A 54 10.75 8.14 -8.09
C ALA A 54 11.05 6.72 -8.55
N GLU A 55 11.72 5.92 -7.71
CA GLU A 55 12.13 4.58 -8.12
C GLU A 55 11.00 3.57 -7.99
N PHE A 56 10.16 3.70 -6.97
CA PHE A 56 9.15 2.70 -6.66
C PHE A 56 7.72 3.20 -6.71
N HIS A 57 7.49 4.52 -6.66
CA HIS A 57 6.14 5.08 -6.59
C HIS A 57 5.87 6.00 -7.76
N SER A 58 6.40 5.66 -8.93
CA SER A 58 6.07 6.35 -10.17
C SER A 58 5.42 5.35 -11.11
N TYR A 59 4.42 5.83 -11.86
CA TYR A 59 3.66 5.00 -12.77
C TYR A 59 3.43 5.80 -14.06
N ARG A 60 3.09 5.08 -15.13
CA ARG A 60 2.69 5.71 -16.38
C ARG A 60 1.18 5.51 -16.51
N ILE A 61 0.42 6.57 -16.27
CA ILE A 61 -1.02 6.52 -16.27
C ILE A 61 -1.55 6.95 -17.64
N ASN A 62 -2.71 6.42 -18.01
CA ASN A 62 -3.40 6.81 -19.23
C ASN A 62 -4.71 7.48 -18.87
N PRO A 63 -5.39 8.11 -19.81
CA PRO A 63 -6.75 8.58 -19.54
C PRO A 63 -7.60 7.44 -18.98
N GLY A 64 -8.44 7.77 -17.99
CA GLY A 64 -9.26 6.77 -17.36
C GLY A 64 -8.63 6.10 -16.17
N GLN A 65 -7.38 6.42 -15.84
CA GLN A 65 -6.73 5.94 -14.63
C GLN A 65 -6.45 7.10 -13.69
N CYS A 66 -6.16 6.76 -12.44
CA CYS A 66 -5.73 7.74 -11.46
C CYS A 66 -4.71 7.09 -10.54
N SER A 67 -3.81 7.91 -10.01
CA SER A 67 -2.75 7.41 -9.14
C SER A 67 -2.60 8.35 -7.96
N SER A 68 -2.10 7.80 -6.85
CA SER A 68 -1.92 8.59 -5.63
C SER A 68 -0.82 7.98 -4.79
N LEU A 69 -0.22 8.83 -3.96
CA LEU A 69 0.79 8.42 -2.99
C LEU A 69 0.33 8.84 -1.59
N LEU A 70 0.36 7.90 -0.65
CA LEU A 70 -0.01 8.15 0.74
C LEU A 70 1.19 7.89 1.62
N ALA A 71 1.25 8.61 2.75
CA ALA A 71 2.36 8.51 3.69
C ALA A 71 1.83 8.38 5.11
N GLN A 72 2.57 7.66 5.94
CA GLN A 72 2.17 7.45 7.33
C GLN A 72 3.42 7.32 8.18
N ARG A 73 3.55 8.17 9.19
CA ARG A 73 4.63 8.04 10.16
C ARG A 73 4.26 7.01 11.22
N ILE A 74 5.23 6.17 11.58
CA ILE A 74 5.04 5.13 12.57
C ILE A 74 6.19 5.20 13.56
N HIS A 75 5.87 5.36 14.85
CA HIS A 75 6.90 5.40 15.89
C HIS A 75 7.22 3.96 16.29
N ALA A 76 8.01 3.32 15.45
CA ALA A 76 8.43 1.93 15.56
C ALA A 76 9.61 1.71 14.63
N PRO A 77 10.50 0.76 14.91
CA PRO A 77 11.64 0.52 14.03
C PRO A 77 11.19 -0.01 12.68
N VAL A 78 12.08 0.13 11.69
CA VAL A 78 11.76 -0.28 10.34
C VAL A 78 11.41 -1.76 10.30
N GLU A 79 12.26 -2.60 10.90
CA GLU A 79 12.06 -4.04 10.79
C GLU A 79 10.78 -4.49 11.51
N THR A 80 10.34 -3.73 12.51
CA THR A 80 9.06 -4.06 13.15
C THR A 80 7.90 -3.82 12.19
N VAL A 81 7.89 -2.66 11.52
CA VAL A 81 6.82 -2.35 10.58
C VAL A 81 6.87 -3.30 9.39
N TRP A 82 8.09 -3.63 8.94
CA TRP A 82 8.24 -4.47 7.75
C TRP A 82 7.76 -5.90 7.98
N THR A 83 7.86 -6.39 9.23
CA THR A 83 7.40 -7.74 9.53
C THR A 83 5.91 -7.90 9.25
N VAL A 84 5.13 -6.83 9.43
CA VAL A 84 3.71 -6.86 9.11
C VAL A 84 3.45 -6.55 7.65
N VAL A 85 4.15 -5.55 7.12
CA VAL A 85 3.93 -5.10 5.75
C VAL A 85 4.17 -6.23 4.75
N ARG A 86 5.13 -7.12 5.04
CA ARG A 86 5.52 -8.15 4.09
C ARG A 86 4.63 -9.39 4.13
N ARG A 87 3.74 -9.50 5.12
CA ARG A 87 2.93 -10.71 5.30
C ARG A 87 1.82 -10.71 4.26
N PHE A 88 2.19 -11.10 3.04
CA PHE A 88 1.26 -11.08 1.92
C PHE A 88 0.05 -11.98 2.16
N ASP A 89 0.20 -13.00 2.99
CA ASP A 89 -0.88 -13.94 3.24
C ASP A 89 -1.84 -13.51 4.33
N LYS A 90 -1.50 -12.47 5.10
CA LYS A 90 -2.36 -11.97 6.19
C LYS A 90 -2.52 -10.46 6.08
N PRO A 91 -3.14 -9.97 5.01
CA PRO A 91 -3.34 -8.53 4.88
C PRO A 91 -4.32 -7.96 5.88
N GLN A 92 -5.25 -8.78 6.38
CA GLN A 92 -6.17 -8.32 7.41
C GLN A 92 -5.45 -7.91 8.68
N THR A 93 -4.17 -8.23 8.82
CA THR A 93 -3.42 -7.84 10.00
C THR A 93 -3.38 -6.33 10.17
N TYR A 94 -3.38 -5.58 9.06
CA TYR A 94 -3.41 -4.12 9.15
C TYR A 94 -4.43 -3.46 8.24
N LYS A 95 -5.17 -4.23 7.44
CA LYS A 95 -6.18 -3.68 6.53
C LYS A 95 -7.58 -3.90 7.09
N HIS A 96 -8.46 -2.95 6.82
CA HIS A 96 -9.87 -3.05 7.18
C HIS A 96 -10.68 -3.65 6.03
N PHE A 97 -11.88 -4.12 6.38
CA PHE A 97 -12.88 -4.54 5.40
C PHE A 97 -12.50 -5.84 4.71
N ILE A 98 -11.74 -6.70 5.37
CA ILE A 98 -11.38 -8.00 4.84
C ILE A 98 -12.09 -9.06 5.68
N LYS A 99 -13.05 -9.76 5.07
CA LYS A 99 -13.72 -10.86 5.75
C LYS A 99 -12.76 -12.01 6.00
N SER A 100 -11.98 -12.38 4.99
CA SER A 100 -11.03 -13.47 5.11
C SER A 100 -10.00 -13.35 3.99
N CYS A 101 -8.96 -14.17 4.09
CA CYS A 101 -7.90 -14.22 3.09
C CYS A 101 -7.35 -15.63 3.05
N SER A 102 -7.26 -16.20 1.85
CA SER A 102 -6.84 -17.58 1.66
C SER A 102 -5.72 -17.62 0.62
N VAL A 103 -4.73 -18.47 0.86
CA VAL A 103 -3.61 -18.63 -0.07
C VAL A 103 -3.38 -20.10 -0.38
N GLY A 104 -4.23 -20.97 0.16
CA GLY A 104 -4.15 -22.39 -0.14
C GLY A 104 -2.85 -23.04 0.31
N GLU A 105 -2.87 -24.36 0.45
CA GLU A 105 -1.72 -25.08 0.97
C GLU A 105 -0.51 -24.89 0.07
N ASP A 106 0.68 -25.15 0.63
CA ASP A 106 1.93 -25.07 -0.11
C ASP A 106 2.21 -23.65 -0.60
N PHE A 107 1.70 -22.65 0.11
CA PHE A 107 2.01 -21.27 -0.20
C PHE A 107 3.42 -20.92 0.27
N ARG A 108 4.18 -20.24 -0.59
CA ARG A 108 5.47 -19.68 -0.23
C ARG A 108 5.46 -18.18 -0.53
N MET A 109 6.22 -17.43 0.26
CA MET A 109 6.28 -15.97 0.13
C MET A 109 7.22 -15.60 -1.01
N THR A 110 6.78 -15.92 -2.23
CA THR A 110 7.54 -15.62 -3.43
C THR A 110 6.71 -14.76 -4.37
N VAL A 111 7.40 -14.03 -5.25
CA VAL A 111 6.73 -13.20 -6.24
C VAL A 111 6.02 -14.09 -7.23
N GLY A 112 4.80 -13.71 -7.60
CA GLY A 112 3.93 -14.51 -8.44
C GLY A 112 2.87 -15.26 -7.68
N SER A 113 3.05 -15.47 -6.38
CA SER A 113 2.02 -16.10 -5.57
C SER A 113 0.76 -15.22 -5.55
N THR A 114 -0.35 -15.83 -5.16
CA THR A 114 -1.63 -15.14 -5.14
C THR A 114 -2.37 -15.41 -3.84
N ARG A 115 -3.35 -14.54 -3.58
CA ARG A 115 -4.24 -14.66 -2.43
C ARG A 115 -5.64 -14.29 -2.89
N ASP A 116 -6.64 -14.96 -2.32
CA ASP A 116 -8.04 -14.62 -2.54
C ASP A 116 -8.53 -13.84 -1.33
N VAL A 117 -8.82 -12.56 -1.54
CA VAL A 117 -9.29 -11.67 -0.48
C VAL A 117 -10.80 -11.50 -0.63
N THR A 118 -11.55 -11.95 0.38
CA THR A 118 -12.99 -11.73 0.41
C THR A 118 -13.25 -10.39 1.09
N VAL A 119 -13.79 -9.45 0.35
CA VAL A 119 -13.93 -8.07 0.79
C VAL A 119 -15.29 -7.86 1.46
N ILE A 120 -15.31 -7.02 2.49
CA ILE A 120 -16.54 -6.60 3.13
C ILE A 120 -16.99 -5.32 2.44
N SER A 121 -18.08 -5.41 1.67
CA SER A 121 -18.50 -4.28 0.85
C SER A 121 -20.00 -4.02 0.89
N GLY A 122 -20.76 -4.73 1.72
CA GLY A 122 -22.19 -4.50 1.75
C GLY A 122 -22.91 -4.99 0.50
N LEU A 123 -22.13 -5.29 -0.53
CA LEU A 123 -22.62 -6.04 -1.68
C LEU A 123 -22.34 -7.52 -1.48
N PRO A 124 -22.90 -8.37 -2.33
CA PRO A 124 -22.74 -9.81 -2.13
C PRO A 124 -21.28 -10.22 -2.00
N ALA A 125 -21.07 -11.35 -1.32
CA ALA A 125 -19.74 -11.83 -0.99
C ALA A 125 -18.92 -12.08 -2.25
N ALA A 126 -17.92 -11.23 -2.50
CA ALA A 126 -17.10 -11.31 -3.70
C ALA A 126 -15.62 -11.37 -3.34
N THR A 127 -14.85 -12.06 -4.17
CA THR A 127 -13.44 -12.31 -3.92
C THR A 127 -12.58 -11.41 -4.78
N SER A 128 -11.45 -10.97 -4.23
CA SER A 128 -10.44 -10.20 -4.94
C SER A 128 -9.19 -11.06 -5.05
N THR A 129 -8.89 -11.53 -6.26
CA THR A 129 -7.67 -12.28 -6.49
C THR A 129 -6.51 -11.33 -6.74
N GLU A 130 -5.44 -11.51 -5.98
CA GLU A 130 -4.34 -10.55 -5.97
C GLU A 130 -3.02 -11.30 -6.09
N ARG A 131 -2.07 -10.69 -6.78
CA ARG A 131 -0.78 -11.31 -7.07
C ARG A 131 0.34 -10.50 -6.43
N LEU A 132 1.28 -11.19 -5.79
CA LEU A 132 2.46 -10.54 -5.22
C LEU A 132 3.41 -10.17 -6.35
N ASP A 133 3.64 -8.87 -6.54
CA ASP A 133 4.46 -8.36 -7.63
C ASP A 133 5.91 -8.16 -7.22
N ILE A 134 6.14 -7.73 -5.97
CA ILE A 134 7.46 -7.37 -5.48
C ILE A 134 7.60 -7.89 -4.06
N LEU A 135 8.81 -8.30 -3.69
CA LEU A 135 9.09 -8.65 -2.29
C LEU A 135 10.60 -8.54 -2.09
N ASP A 136 11.04 -7.39 -1.55
CA ASP A 136 12.45 -7.10 -1.33
C ASP A 136 12.67 -6.95 0.16
N ASP A 137 13.20 -7.99 0.81
CA ASP A 137 13.43 -7.95 2.25
C ASP A 137 14.56 -7.03 2.64
N ASP A 138 15.46 -6.69 1.73
CA ASP A 138 16.61 -5.86 2.06
C ASP A 138 16.32 -4.37 1.92
N ARG A 139 15.57 -3.97 0.89
CA ARG A 139 15.18 -2.58 0.71
C ARG A 139 13.76 -2.30 1.20
N HIS A 140 13.05 -3.32 1.69
CA HIS A 140 11.72 -3.16 2.30
C HIS A 140 10.74 -2.57 1.29
N VAL A 141 10.55 -3.31 0.19
CA VAL A 141 9.63 -2.93 -0.87
C VAL A 141 8.73 -4.12 -1.18
N THR A 142 7.43 -3.87 -1.28
CA THR A 142 6.49 -4.88 -1.74
C THR A 142 5.39 -4.21 -2.53
N GLY A 143 4.68 -5.02 -3.30
CA GLY A 143 3.57 -4.51 -4.09
C GLY A 143 2.74 -5.66 -4.61
N PHE A 144 1.52 -5.34 -5.02
CA PHE A 144 0.62 -6.38 -5.50
C PHE A 144 -0.30 -5.80 -6.57
N SER A 145 -0.98 -6.70 -7.28
CA SER A 145 -1.92 -6.35 -8.33
C SER A 145 -3.22 -7.09 -8.07
N ILE A 146 -4.33 -6.41 -8.29
CA ILE A 146 -5.65 -7.05 -8.29
C ILE A 146 -5.89 -7.55 -9.72
N ILE A 147 -5.83 -8.87 -9.89
CA ILE A 147 -5.98 -9.46 -11.22
C ILE A 147 -7.40 -9.95 -11.48
N GLY A 148 -8.21 -10.11 -10.46
CA GLY A 148 -9.60 -10.52 -10.65
C GLY A 148 -10.44 -10.03 -9.50
N GLY A 149 -11.72 -9.84 -9.76
CA GLY A 149 -12.63 -9.40 -8.72
C GLY A 149 -13.61 -8.34 -9.19
N GLU A 150 -14.88 -8.51 -8.85
CA GLU A 150 -15.92 -7.56 -9.22
C GLU A 150 -16.12 -6.59 -8.06
N HIS A 151 -15.24 -5.60 -8.00
CA HIS A 151 -15.35 -4.52 -7.03
C HIS A 151 -14.95 -3.21 -7.71
N ARG A 152 -14.81 -2.16 -6.90
CA ARG A 152 -14.63 -0.80 -7.38
C ARG A 152 -13.17 -0.44 -7.66
N LEU A 153 -12.26 -1.41 -7.58
CA LEU A 153 -10.83 -1.17 -7.77
C LEU A 153 -10.32 -2.12 -8.86
N ARG A 154 -10.75 -1.86 -10.10
CA ARG A 154 -10.36 -2.71 -11.22
C ARG A 154 -8.97 -2.35 -11.71
N ASN A 155 -8.16 -3.37 -12.02
CA ASN A 155 -6.79 -3.16 -12.47
C ASN A 155 -6.00 -2.33 -11.46
N TYR A 156 -6.22 -2.62 -10.18
CA TYR A 156 -5.52 -1.96 -9.09
C TYR A 156 -4.12 -2.54 -8.96
N ARG A 157 -3.14 -1.67 -8.74
CA ARG A 157 -1.76 -2.07 -8.54
C ARG A 157 -1.11 -1.07 -7.60
N SER A 158 -0.45 -1.55 -6.55
CA SER A 158 0.09 -0.66 -5.54
C SER A 158 1.45 -1.17 -5.09
N VAL A 159 2.25 -0.24 -4.57
CA VAL A 159 3.57 -0.53 -4.03
C VAL A 159 3.67 0.10 -2.64
N THR A 160 4.25 -0.65 -1.70
CA THR A 160 4.49 -0.17 -0.35
C THR A 160 5.97 -0.28 -0.03
N THR A 161 6.55 0.79 0.51
CA THR A 161 7.94 0.81 0.92
C THR A 161 8.04 1.33 2.35
N VAL A 162 9.02 0.81 3.08
CA VAL A 162 9.22 1.14 4.49
C VAL A 162 10.59 1.81 4.63
N HIS A 163 10.63 2.90 5.40
CA HIS A 163 11.84 3.71 5.50
C HIS A 163 12.08 4.12 6.94
N GLY A 164 13.35 4.17 7.33
CA GLY A 164 13.74 4.54 8.68
C GLY A 164 14.23 5.96 8.78
N PHE A 165 14.01 6.58 9.94
CA PHE A 165 14.44 7.94 10.20
C PHE A 165 15.02 8.01 11.61
N GLU A 166 15.84 9.03 11.84
CA GLU A 166 16.51 9.21 13.11
C GLU A 166 16.74 10.70 13.37
N ARG A 167 16.62 11.09 14.64
CA ARG A 167 16.92 12.46 15.05
C ARG A 167 17.29 12.42 16.53
N ASP A 168 18.58 12.60 16.83
CA ASP A 168 19.06 12.65 18.21
C ASP A 168 18.75 11.34 18.94
N GLY A 169 19.14 10.22 18.32
CA GLY A 169 18.89 8.91 18.89
C GLY A 169 17.46 8.45 18.88
N GLU A 170 16.51 9.31 18.47
CA GLU A 170 15.12 8.90 18.34
C GLU A 170 14.88 8.30 16.96
N ILE A 171 14.08 7.24 16.92
CA ILE A 171 13.85 6.47 15.71
C ILE A 171 12.38 6.50 15.35
N TRP A 172 12.08 6.57 14.06
CA TRP A 172 10.72 6.37 13.59
C TRP A 172 10.78 5.87 12.15
N THR A 173 9.63 5.40 11.67
CA THR A 173 9.50 4.83 10.34
C THR A 173 8.48 5.62 9.54
N VAL A 174 8.71 5.72 8.24
CA VAL A 174 7.72 6.24 7.31
C VAL A 174 7.37 5.14 6.32
N VAL A 175 6.08 4.85 6.19
CA VAL A 175 5.58 3.94 5.19
C VAL A 175 4.97 4.75 4.06
N LEU A 176 5.40 4.47 2.84
CA LEU A 176 4.84 5.07 1.63
C LEU A 176 4.07 4.00 0.87
N GLU A 177 2.85 4.33 0.45
CA GLU A 177 2.04 3.42 -0.35
C GLU A 177 1.39 4.20 -1.47
N SER A 178 1.62 3.76 -2.71
CA SER A 178 1.00 4.34 -3.88
C SER A 178 0.23 3.27 -4.64
N TYR A 179 -0.60 3.71 -5.58
CA TYR A 179 -1.38 2.80 -6.39
C TYR A 179 -1.69 3.46 -7.72
N VAL A 180 -2.04 2.63 -8.70
CA VAL A 180 -2.77 3.07 -9.88
C VAL A 180 -4.01 2.19 -9.99
N VAL A 181 -5.10 2.75 -10.53
CA VAL A 181 -6.36 2.04 -10.58
C VAL A 181 -7.21 2.65 -11.67
N ASP A 182 -8.11 1.85 -12.23
CA ASP A 182 -9.05 2.35 -13.23
C ASP A 182 -10.13 3.21 -12.57
N VAL A 183 -10.54 4.25 -13.28
CA VAL A 183 -11.70 5.05 -12.89
C VAL A 183 -12.91 4.46 -13.60
N PRO A 184 -13.87 3.86 -12.89
CA PRO A 184 -14.96 3.17 -13.56
C PRO A 184 -15.79 4.13 -14.42
N GLU A 185 -16.32 3.59 -15.51
CA GLU A 185 -17.22 4.36 -16.36
C GLU A 185 -18.35 4.96 -15.54
N GLY A 186 -18.59 6.25 -15.72
CA GLY A 186 -19.57 6.96 -14.93
C GLY A 186 -19.04 7.55 -13.65
N ASN A 187 -17.75 7.38 -13.38
CA ASN A 187 -17.11 7.96 -12.20
C ASN A 187 -16.29 9.18 -12.60
N THR A 188 -16.18 10.12 -11.66
CA THR A 188 -15.13 11.12 -11.76
C THR A 188 -13.82 10.53 -11.25
N GLU A 189 -12.71 11.09 -11.72
CA GLU A 189 -11.43 10.72 -11.13
C GLU A 189 -11.42 11.06 -9.64
N GLU A 190 -12.03 12.19 -9.27
CA GLU A 190 -12.11 12.58 -7.87
C GLU A 190 -12.91 11.57 -7.06
N ASP A 191 -13.97 11.02 -7.64
CA ASP A 191 -14.70 9.94 -6.97
C ASP A 191 -13.75 8.81 -6.58
N THR A 192 -13.10 8.23 -7.59
CA THR A 192 -12.27 7.05 -7.36
C THR A 192 -11.08 7.35 -6.46
N ARG A 193 -10.40 8.48 -6.70
CA ARG A 193 -9.21 8.81 -5.92
C ARG A 193 -9.57 9.02 -4.45
N LEU A 194 -10.65 9.75 -4.18
CA LEU A 194 -11.03 10.01 -2.79
C LEU A 194 -11.37 8.72 -2.06
N PHE A 195 -11.99 7.76 -2.76
CA PHE A 195 -12.32 6.48 -2.14
C PHE A 195 -11.07 5.65 -1.88
N ALA A 196 -10.20 5.53 -2.89
CA ALA A 196 -8.97 4.75 -2.73
C ALA A 196 -8.06 5.37 -1.68
N ASP A 197 -7.92 6.71 -1.69
CA ASP A 197 -7.11 7.37 -0.68
C ASP A 197 -7.62 7.09 0.72
N THR A 198 -8.94 7.18 0.92
CA THR A 198 -9.51 6.95 2.25
C THR A 198 -9.17 5.54 2.74
N VAL A 199 -9.34 4.54 1.87
CA VAL A 199 -9.11 3.16 2.28
C VAL A 199 -7.63 2.95 2.62
N VAL A 200 -6.74 3.36 1.71
CA VAL A 200 -5.31 3.22 1.97
C VAL A 200 -4.93 3.98 3.25
N LYS A 201 -5.38 5.23 3.36
CA LYS A 201 -5.06 6.02 4.54
C LYS A 201 -5.54 5.34 5.81
N LEU A 202 -6.78 4.82 5.79
CA LEU A 202 -7.29 4.13 6.96
C LEU A 202 -6.46 2.88 7.30
N ASN A 203 -6.07 2.13 6.27
CA ASN A 203 -5.28 0.92 6.51
C ASN A 203 -3.89 1.25 7.04
N LEU A 204 -3.32 2.39 6.66
CA LEU A 204 -2.01 2.77 7.18
C LEU A 204 -2.09 3.19 8.64
N GLN A 205 -3.20 3.80 9.05
CA GLN A 205 -3.37 4.12 10.47
C GLN A 205 -3.44 2.85 11.30
N LYS A 206 -4.17 1.84 10.81
CA LYS A 206 -4.18 0.55 11.50
C LYS A 206 -2.80 -0.08 11.53
N LEU A 207 -2.06 0.01 10.41
CA LEU A 207 -0.68 -0.46 10.40
C LEU A 207 0.15 0.25 11.46
N ALA A 208 -0.02 1.57 11.59
CA ALA A 208 0.69 2.31 12.62
C ALA A 208 0.37 1.79 14.02
N SER A 209 -0.93 1.65 14.32
CA SER A 209 -1.33 1.17 15.64
C SER A 209 -0.80 -0.23 15.91
N VAL A 210 -0.98 -1.14 14.95
CA VAL A 210 -0.55 -2.52 15.14
C VAL A 210 0.95 -2.59 15.42
N THR A 211 1.75 -1.94 14.59
CA THR A 211 3.20 -2.05 14.72
C THR A 211 3.73 -1.26 15.92
N GLU A 212 3.12 -0.12 16.24
CA GLU A 212 3.53 0.62 17.43
C GLU A 212 3.23 -0.19 18.70
N THR A 213 2.09 -0.88 18.74
CA THR A 213 1.82 -1.80 19.83
C THR A 213 2.86 -2.92 19.87
N LEU A 214 3.15 -3.51 18.71
CA LEU A 214 4.17 -4.55 18.64
C LEU A 214 5.51 -4.04 19.16
N ALA A 215 5.82 -2.77 18.90
CA ALA A 215 7.09 -2.20 19.35
C ALA A 215 7.08 -1.99 20.87
N ARG A 216 6.04 -1.33 21.38
CA ARG A 216 6.00 -0.96 22.79
C ARG A 216 5.84 -2.18 23.68
N GLU A 217 5.74 -3.37 23.07
CA GLU A 217 5.62 -4.61 23.81
C GLU A 217 6.82 -5.54 23.63
N ALA A 218 7.68 -5.28 22.65
CA ALA A 218 8.92 -6.03 22.50
C ALA A 218 8.69 -7.45 22.00
#